data_6DF7
#
_entry.id   6DF7
#
_cell.length_a   52.415
_cell.length_b   79.701
_cell.length_c   83.828
_cell.angle_alpha   90.000
_cell.angle_beta   90.000
_cell.angle_gamma   90.000
#
_symmetry.space_group_name_H-M   'P 21 21 21'
#
loop_
_entity.id
_entity.type
_entity.pdbx_description
1 polymer 'Transcription initiation factor TFIID subunit'
2 non-polymer 6-(but-3-en-1-yl)-4-[1-methyl-6-(morpholine-4-carbonyl)-1H-benzimidazol-4-yl]-1,6-dihydro-7H-pyrrolo[2,3-c]pyridin-7-one
3 water water
#
_entity_poly.entity_id   1
_entity_poly.type   'polypeptide(L)'
_entity_poly.pdbx_seq_one_letter_code
;MHHHHHHASDYKDDDDKGSLVPRGSPLLDDDDQVAFSFILDNIVTQKMMAVPDSWPFHHPVNKKFVPDYYKVIVNPMDLE
TIRKNISKHKYQSRESFLDDVNLILANSVKYNGPESQYTKTAQEIVNVCYQTLTEYDEHLTQLEKDICTAKEAALEEAEL
ESLDPMT
;
_entity_poly.pdbx_strand_id   A,B
#
# COMPACT_ATOMS: atom_id res chain seq x y z
N ASP A 30 11.77 -3.99 -18.30
CA ASP A 30 12.85 -3.42 -17.49
C ASP A 30 12.78 -1.87 -17.30
N ASP A 31 12.45 -1.08 -18.37
CA ASP A 31 12.47 0.39 -18.37
C ASP A 31 11.55 1.05 -17.32
N ASP A 32 10.35 0.48 -17.14
CA ASP A 32 9.34 0.93 -16.19
C ASP A 32 9.77 0.72 -14.74
N GLN A 33 10.36 -0.45 -14.44
CA GLN A 33 10.88 -0.80 -13.11
C GLN A 33 12.04 0.13 -12.73
N VAL A 34 12.94 0.38 -13.70
CA VAL A 34 14.09 1.27 -13.51
C VAL A 34 13.59 2.69 -13.19
N ALA A 35 12.59 3.18 -13.95
CA ALA A 35 12.01 4.53 -13.75
C ALA A 35 11.34 4.65 -12.37
N PHE A 36 10.56 3.63 -12.00
CA PHE A 36 9.86 3.54 -10.72
C PHE A 36 10.85 3.62 -9.56
N SER A 37 11.95 2.86 -9.66
CA SER A 37 13.02 2.82 -8.67
C SER A 37 13.73 4.15 -8.57
N PHE A 38 14.05 4.78 -9.71
CA PHE A 38 14.64 6.13 -9.72
C PHE A 38 13.74 7.17 -9.02
N ILE A 39 12.41 7.07 -9.24
CA ILE A 39 11.45 7.98 -8.59
C ILE A 39 11.42 7.77 -7.05
N LEU A 40 11.39 6.51 -6.62
CA LEU A 40 11.40 6.15 -5.19
C LEU A 40 12.69 6.64 -4.53
N ASP A 41 13.84 6.52 -5.24
CA ASP A 41 15.13 6.99 -4.71
C ASP A 41 15.17 8.49 -4.48
N ASN A 42 14.61 9.26 -5.43
CA ASN A 42 14.51 10.71 -5.34
C ASN A 42 13.61 11.11 -4.15
N ILE A 43 12.51 10.36 -3.87
CA ILE A 43 11.64 10.68 -2.72
C ILE A 43 12.48 10.48 -1.44
N VAL A 44 13.21 9.35 -1.35
CA VAL A 44 14.04 9.05 -0.19
C VAL A 44 15.10 10.15 0.06
N THR A 45 15.90 10.51 -0.95
CA THR A 45 16.98 11.50 -0.77
C THR A 45 16.53 12.95 -0.70
N GLN A 46 15.54 13.33 -1.53
CA GLN A 46 15.13 14.74 -1.61
C GLN A 46 14.04 15.12 -0.65
N LYS A 47 13.24 14.17 -0.20
CA LYS A 47 12.12 14.51 0.67
C LYS A 47 12.32 13.92 2.09
N MET A 48 12.48 12.59 2.21
CA MET A 48 12.59 11.91 3.51
C MET A 48 13.87 12.24 4.27
N MET A 49 15.04 12.18 3.59
CA MET A 49 16.32 12.50 4.22
C MET A 49 16.47 14.00 4.52
N ALA A 50 15.68 14.83 3.82
CA ALA A 50 15.61 16.29 3.97
C ALA A 50 14.77 16.70 5.18
N VAL A 51 14.03 15.77 5.80
CA VAL A 51 13.21 16.11 6.97
C VAL A 51 14.17 16.62 8.08
N PRO A 52 13.92 17.80 8.71
CA PRO A 52 14.83 18.28 9.77
C PRO A 52 14.97 17.25 10.88
N ASP A 53 16.20 17.05 11.36
CA ASP A 53 16.57 16.13 12.47
C ASP A 53 16.30 14.64 12.14
N SER A 54 16.27 14.31 10.85
CA SER A 54 16.02 12.94 10.40
C SER A 54 17.27 12.07 10.39
N TRP A 55 18.45 12.65 10.68
CA TRP A 55 19.74 11.95 10.70
C TRP A 55 19.71 10.61 11.49
N PRO A 56 18.96 10.42 12.63
CA PRO A 56 19.02 9.10 13.32
C PRO A 56 18.42 7.96 12.50
N PHE A 57 17.67 8.28 11.44
CA PHE A 57 16.96 7.31 10.61
C PHE A 57 17.69 7.04 9.29
N HIS A 58 18.78 7.76 9.03
CA HIS A 58 19.50 7.63 7.75
C HIS A 58 20.26 6.35 7.58
N HIS A 59 20.72 5.75 8.67
CA HIS A 59 21.53 4.54 8.60
C HIS A 59 21.10 3.53 9.65
N PRO A 60 21.49 2.23 9.53
CA PRO A 60 21.16 1.26 10.59
C PRO A 60 21.76 1.69 11.92
N VAL A 61 21.05 1.40 13.01
CA VAL A 61 21.51 1.66 14.38
C VAL A 61 22.80 0.87 14.65
N ASN A 62 23.79 1.51 15.26
CA ASN A 62 25.01 0.86 15.69
C ASN A 62 24.75 0.55 17.17
N LYS A 63 24.71 -0.75 17.53
CA LYS A 63 24.45 -1.15 18.93
C LYS A 63 25.51 -0.61 19.92
N LYS A 64 26.67 -0.14 19.45
CA LYS A 64 27.64 0.46 20.36
C LYS A 64 27.12 1.82 20.92
N PHE A 65 26.17 2.48 20.21
CA PHE A 65 25.60 3.74 20.70
C PHE A 65 24.23 3.53 21.34
N VAL A 66 23.51 2.47 20.93
CA VAL A 66 22.14 2.16 21.38
C VAL A 66 22.15 0.65 21.73
N PRO A 67 22.70 0.29 22.94
CA PRO A 67 22.93 -1.13 23.28
C PRO A 67 21.80 -2.14 23.19
N ASP A 68 20.57 -1.79 23.57
CA ASP A 68 19.55 -2.83 23.52
C ASP A 68 18.59 -2.71 22.32
N TYR A 69 18.96 -1.91 21.31
CA TYR A 69 18.09 -1.66 20.15
C TYR A 69 17.58 -2.92 19.48
N TYR A 70 18.51 -3.83 19.12
CA TYR A 70 18.18 -5.07 18.43
C TYR A 70 17.58 -6.15 19.34
N LYS A 71 17.54 -5.91 20.65
CA LYS A 71 16.88 -6.81 21.59
C LYS A 71 15.37 -6.49 21.55
N VAL A 72 15.03 -5.21 21.27
CA VAL A 72 13.65 -4.70 21.23
C VAL A 72 13.10 -4.75 19.81
N ILE A 73 13.89 -4.27 18.82
CA ILE A 73 13.49 -4.17 17.42
C ILE A 73 13.93 -5.41 16.64
N VAL A 74 12.95 -6.29 16.31
CA VAL A 74 13.19 -7.54 15.60
C VAL A 74 13.26 -7.33 14.08
N ASN A 75 12.58 -6.28 13.55
CA ASN A 75 12.60 -5.95 12.11
C ASN A 75 13.10 -4.52 11.91
N PRO A 76 14.45 -4.31 12.06
CA PRO A 76 14.98 -2.94 11.88
C PRO A 76 14.84 -2.42 10.47
N MET A 77 14.82 -1.10 10.35
CA MET A 77 14.70 -0.44 9.07
C MET A 77 15.31 0.94 9.17
N ASP A 78 15.90 1.43 8.10
CA ASP A 78 16.47 2.76 8.00
C ASP A 78 16.43 3.16 6.54
N LEU A 79 16.66 4.44 6.27
CA LEU A 79 16.63 5.03 4.93
C LEU A 79 17.72 4.49 3.98
N GLU A 80 18.93 4.17 4.48
CA GLU A 80 20.01 3.59 3.64
C GLU A 80 19.59 2.19 3.14
N THR A 81 19.03 1.36 4.04
CA THR A 81 18.52 0.02 3.68
C THR A 81 17.43 0.14 2.61
N ILE A 82 16.55 1.15 2.73
CA ILE A 82 15.49 1.38 1.75
C ILE A 82 16.13 1.73 0.40
N ARG A 83 17.14 2.60 0.39
CA ARG A 83 17.85 2.96 -0.85
C ARG A 83 18.54 1.75 -1.47
N LYS A 84 19.11 0.84 -0.64
CA LYS A 84 19.76 -0.38 -1.10
C LYS A 84 18.69 -1.27 -1.76
N ASN A 85 17.51 -1.41 -1.10
CA ASN A 85 16.38 -2.18 -1.62
C ASN A 85 15.92 -1.63 -2.97
N ILE A 86 15.89 -0.29 -3.13
CA ILE A 86 15.49 0.38 -4.36
C ILE A 86 16.51 0.05 -5.48
N SER A 87 17.83 0.11 -5.17
CA SER A 87 18.92 -0.22 -6.11
C SER A 87 18.77 -1.63 -6.69
N LYS A 88 18.24 -2.56 -5.88
CA LYS A 88 18.05 -3.97 -6.20
C LYS A 88 16.66 -4.21 -6.78
N HIS A 89 15.85 -3.11 -6.91
CA HIS A 89 14.48 -3.16 -7.46
C HIS A 89 13.56 -4.09 -6.65
N LYS A 90 13.66 -4.05 -5.31
CA LYS A 90 12.80 -4.84 -4.42
C LYS A 90 11.33 -4.40 -4.57
N TYR A 91 11.08 -3.10 -4.79
CA TYR A 91 9.72 -2.59 -4.87
C TYR A 91 9.18 -2.50 -6.30
N GLN A 92 8.08 -3.22 -6.55
CA GLN A 92 7.34 -3.28 -7.82
C GLN A 92 6.11 -2.40 -7.71
N SER A 93 5.76 -1.99 -6.48
CA SER A 93 4.60 -1.16 -6.20
C SER A 93 4.86 -0.30 -4.95
N ARG A 94 3.97 0.70 -4.71
CA ARG A 94 4.06 1.59 -3.55
C ARG A 94 3.81 0.86 -2.26
N GLU A 95 2.95 -0.16 -2.30
CA GLU A 95 2.56 -0.95 -1.15
C GLU A 95 3.74 -1.62 -0.46
N SER A 96 4.63 -2.29 -1.23
CA SER A 96 5.82 -2.91 -0.65
C SER A 96 6.81 -1.85 -0.12
N PHE A 97 6.92 -0.71 -0.83
CA PHE A 97 7.77 0.43 -0.44
C PHE A 97 7.27 1.01 0.88
N LEU A 98 5.94 1.25 0.99
CA LEU A 98 5.29 1.77 2.19
C LEU A 98 5.36 0.82 3.38
N ASP A 99 5.39 -0.50 3.15
CA ASP A 99 5.54 -1.49 4.23
C ASP A 99 6.87 -1.25 4.95
N ASP A 100 7.97 -1.00 4.21
CA ASP A 100 9.28 -0.72 4.80
C ASP A 100 9.35 0.66 5.45
N VAL A 101 8.76 1.69 4.78
CA VAL A 101 8.69 3.08 5.29
C VAL A 101 7.93 3.12 6.64
N ASN A 102 6.77 2.47 6.72
CA ASN A 102 5.94 2.42 7.93
C ASN A 102 6.60 1.70 9.08
N LEU A 103 7.54 0.77 8.81
CA LEU A 103 8.35 0.07 9.83
C LEU A 103 9.17 1.08 10.59
N ILE A 104 9.71 2.13 9.92
CA ILE A 104 10.49 3.19 10.58
C ILE A 104 9.66 3.86 11.70
N LEU A 105 8.39 4.16 11.41
CA LEU A 105 7.50 4.74 12.42
C LEU A 105 7.16 3.72 13.53
N ALA A 106 6.74 2.48 13.15
CA ALA A 106 6.38 1.40 14.09
C ALA A 106 7.52 1.07 15.04
N ASN A 107 8.77 0.97 14.50
CA ASN A 107 9.97 0.72 15.31
C ASN A 107 10.23 1.82 16.31
N SER A 108 10.06 3.10 15.88
CA SER A 108 10.24 4.23 16.78
C SER A 108 9.20 4.22 17.91
N VAL A 109 7.89 3.92 17.59
CA VAL A 109 6.88 3.92 18.66
C VAL A 109 7.20 2.78 19.64
N LYS A 110 7.67 1.61 19.17
CA LYS A 110 8.01 0.48 20.03
C LYS A 110 9.25 0.79 20.88
N TYR A 111 10.31 1.35 20.27
CA TYR A 111 11.55 1.59 21.03
C TYR A 111 11.54 2.87 21.88
N ASN A 112 11.06 3.98 21.32
CA ASN A 112 11.10 5.29 21.96
C ASN A 112 9.82 5.72 22.67
N GLY A 113 8.71 5.12 22.28
CA GLY A 113 7.40 5.49 22.79
C GLY A 113 6.73 6.44 21.80
N PRO A 114 5.38 6.45 21.76
CA PRO A 114 4.67 7.35 20.81
C PRO A 114 4.87 8.86 21.04
N GLU A 115 5.18 9.27 22.26
CA GLU A 115 5.36 10.67 22.66
C GLU A 115 6.77 11.23 22.36
N SER A 116 7.74 10.36 22.02
CA SER A 116 9.14 10.74 21.77
C SER A 116 9.34 11.66 20.59
N GLN A 117 10.39 12.53 20.67
CA GLN A 117 10.77 13.41 19.55
C GLN A 117 11.27 12.57 18.34
N TYR A 118 11.83 11.35 18.60
CA TYR A 118 12.20 10.41 17.52
C TYR A 118 10.96 10.02 16.76
N THR A 119 9.87 9.69 17.47
CA THR A 119 8.60 9.28 16.84
C THR A 119 7.99 10.43 16.02
N LYS A 120 8.08 11.68 16.51
CA LYS A 120 7.60 12.87 15.82
C LYS A 120 8.35 13.06 14.50
N THR A 121 9.69 12.87 14.52
CA THR A 121 10.51 12.91 13.33
C THR A 121 10.13 11.77 12.40
N ALA A 122 10.02 10.52 12.92
CA ALA A 122 9.62 9.36 12.08
C ALA A 122 8.25 9.61 11.39
N GLN A 123 7.30 10.22 12.12
CA GLN A 123 5.99 10.56 11.57
C GLN A 123 6.09 11.57 10.41
N GLU A 124 6.99 12.53 10.53
CA GLU A 124 7.24 13.57 9.53
C GLU A 124 7.92 12.95 8.28
N ILE A 125 8.77 11.93 8.47
CA ILE A 125 9.40 11.19 7.35
C ILE A 125 8.31 10.44 6.57
N VAL A 126 7.40 9.79 7.30
CA VAL A 126 6.25 9.04 6.77
C VAL A 126 5.31 10.02 6.02
N ASN A 127 5.04 11.18 6.64
CA ASN A 127 4.16 12.17 6.04
C ASN A 127 4.63 12.65 4.69
N VAL A 128 5.89 13.03 4.60
CA VAL A 128 6.44 13.59 3.39
C VAL A 128 6.48 12.52 2.27
N CYS A 129 6.65 11.24 2.68
CA CYS A 129 6.64 10.11 1.78
C CYS A 129 5.23 9.94 1.20
N TYR A 130 4.20 9.83 2.07
CA TYR A 130 2.80 9.70 1.60
C TYR A 130 2.38 10.87 0.72
N GLN A 131 2.69 12.11 1.12
CA GLN A 131 2.33 13.31 0.37
C GLN A 131 2.98 13.34 -1.01
N THR A 132 4.28 12.96 -1.10
CA THR A 132 5.02 12.93 -2.37
C THR A 132 4.45 11.86 -3.29
N LEU A 133 4.24 10.63 -2.78
CA LEU A 133 3.63 9.54 -3.56
C LEU A 133 2.26 9.92 -4.14
N THR A 134 1.45 10.69 -3.39
CA THR A 134 0.13 11.18 -3.79
C THR A 134 0.25 12.18 -4.95
N GLU A 135 1.24 13.06 -4.89
CA GLU A 135 1.48 14.04 -5.97
C GLU A 135 1.92 13.31 -7.24
N TYR A 136 2.48 12.10 -7.10
CA TYR A 136 2.92 11.33 -8.27
C TYR A 136 1.95 10.20 -8.62
N ASP A 137 0.75 10.20 -8.01
CA ASP A 137 -0.22 9.13 -8.17
C ASP A 137 -0.47 8.66 -9.59
N GLU A 138 -0.78 9.59 -10.51
CA GLU A 138 -1.09 9.22 -11.91
C GLU A 138 0.03 8.47 -12.62
N HIS A 139 1.25 9.03 -12.59
CA HIS A 139 2.43 8.43 -13.23
C HIS A 139 2.85 7.14 -12.52
N LEU A 140 2.81 7.10 -11.18
CA LEU A 140 3.18 5.86 -10.45
C LEU A 140 2.21 4.72 -10.71
N THR A 141 0.90 5.02 -10.84
CA THR A 141 -0.13 4.01 -11.17
C THR A 141 0.19 3.38 -12.53
N GLN A 142 0.51 4.21 -13.52
CA GLN A 142 0.86 3.76 -14.86
C GLN A 142 2.13 2.89 -14.87
N LEU A 143 3.18 3.33 -14.14
CA LEU A 143 4.43 2.57 -14.03
C LEU A 143 4.18 1.20 -13.36
N GLU A 144 3.37 1.18 -12.28
CA GLU A 144 3.00 -0.06 -11.55
C GLU A 144 2.23 -1.04 -12.48
N LYS A 145 1.30 -0.52 -13.28
CA LYS A 145 0.53 -1.32 -14.24
C LYS A 145 1.45 -1.90 -15.31
N ASP A 146 2.40 -1.09 -15.81
CA ASP A 146 3.40 -1.51 -16.80
C ASP A 146 4.38 -2.55 -16.23
N ILE A 147 4.77 -2.41 -14.95
CA ILE A 147 5.67 -3.37 -14.30
C ILE A 147 4.97 -4.73 -14.21
N CYS A 148 3.70 -4.72 -13.81
CA CYS A 148 2.80 -5.86 -13.66
C CYS A 148 2.55 -6.55 -15.01
N THR A 149 2.28 -5.76 -16.07
CA THR A 149 2.07 -6.26 -17.44
C THR A 149 3.35 -6.94 -17.94
N ALA A 150 4.54 -6.29 -17.77
CA ALA A 150 5.83 -6.86 -18.19
C ALA A 150 6.14 -8.17 -17.46
N LYS A 151 5.81 -8.24 -16.15
CA LYS A 151 6.01 -9.42 -15.30
C LYS A 151 5.14 -10.59 -15.80
N GLU A 152 3.80 -10.36 -15.91
CA GLU A 152 2.82 -11.35 -16.36
C GLU A 152 3.15 -11.93 -17.74
N ALA A 153 3.58 -11.07 -18.69
CA ALA A 153 3.97 -11.46 -20.05
C ALA A 153 5.22 -12.33 -20.07
N ALA A 154 6.19 -12.01 -19.19
CA ALA A 154 7.46 -12.75 -19.07
C ALA A 154 7.20 -14.16 -18.52
N LEU A 155 6.29 -14.27 -17.53
CA LEU A 155 5.88 -15.51 -16.89
C LEU A 155 5.10 -16.42 -17.86
N GLU A 156 4.21 -15.85 -18.68
CA GLU A 156 3.43 -16.61 -19.66
C GLU A 156 4.39 -17.22 -20.71
N GLU A 157 5.35 -16.40 -21.18
CA GLU A 157 6.39 -16.79 -22.12
C GLU A 157 7.28 -17.88 -21.50
N ALA A 158 7.67 -17.73 -20.21
CA ALA A 158 8.52 -18.70 -19.49
C ALA A 158 7.84 -20.09 -19.38
N GLU A 159 6.51 -20.09 -19.10
CA GLU A 159 5.68 -21.29 -19.01
C GLU A 159 5.57 -21.99 -20.38
N LEU A 160 5.32 -21.23 -21.47
CA LEU A 160 5.18 -21.76 -22.83
C LEU A 160 6.48 -22.35 -23.39
N GLU A 161 7.62 -21.77 -23.01
CA GLU A 161 8.94 -22.19 -23.50
C GLU A 161 9.66 -23.20 -22.60
N SER A 162 9.06 -23.55 -21.46
N SER A 162 9.06 -23.55 -21.45
CA SER A 162 9.60 -24.48 -20.47
CA SER A 162 9.60 -24.47 -20.45
C SER A 162 9.86 -25.89 -20.99
C SER A 162 9.86 -25.89 -20.98
N LEU A 163 9.18 -26.31 -22.07
CA LEU A 163 9.34 -27.64 -22.68
C LEU A 163 10.38 -27.69 -23.82
N ASP A 164 10.99 -26.54 -24.20
CA ASP A 164 11.98 -26.51 -25.29
C ASP A 164 13.19 -27.44 -25.03
N ASP B 30 -21.49 -18.88 -13.93
CA ASP B 30 -20.07 -19.17 -13.71
C ASP B 30 -19.81 -19.31 -12.21
N ASP B 31 -19.68 -20.57 -11.77
CA ASP B 31 -19.42 -20.94 -10.38
C ASP B 31 -18.18 -20.29 -9.80
N ASP B 32 -17.10 -20.17 -10.60
CA ASP B 32 -15.81 -19.59 -10.18
C ASP B 32 -15.91 -18.11 -9.90
N GLN B 33 -16.57 -17.34 -10.80
CA GLN B 33 -16.78 -15.89 -10.63
C GLN B 33 -17.65 -15.60 -9.42
N VAL B 34 -18.72 -16.41 -9.23
CA VAL B 34 -19.62 -16.27 -8.10
C VAL B 34 -18.86 -16.52 -6.78
N ALA B 35 -18.00 -17.58 -6.72
CA ALA B 35 -17.20 -17.91 -5.54
C ALA B 35 -16.19 -16.81 -5.24
N PHE B 36 -15.50 -16.31 -6.26
CA PHE B 36 -14.53 -15.23 -6.16
C PHE B 36 -15.17 -13.97 -5.57
N SER B 37 -16.36 -13.60 -6.06
CA SER B 37 -17.14 -12.46 -5.60
C SER B 37 -17.60 -12.65 -4.17
N PHE B 38 -18.09 -13.85 -3.81
CA PHE B 38 -18.46 -14.14 -2.41
C PHE B 38 -17.25 -14.00 -1.48
N ILE B 39 -16.04 -14.45 -1.91
CA ILE B 39 -14.82 -14.32 -1.10
C ILE B 39 -14.46 -12.84 -0.89
N LEU B 40 -14.49 -12.03 -1.97
CA LEU B 40 -14.20 -10.60 -1.89
C LEU B 40 -15.19 -9.90 -0.96
N ASP B 41 -16.49 -10.29 -1.02
CA ASP B 41 -17.51 -9.70 -0.15
C ASP B 41 -17.26 -9.97 1.32
N ASN B 42 -16.84 -11.21 1.65
CA ASN B 42 -16.51 -11.62 3.00
C ASN B 42 -15.28 -10.83 3.51
N ILE B 43 -14.28 -10.55 2.65
CA ILE B 43 -13.12 -9.76 3.08
C ILE B 43 -13.61 -8.34 3.45
N VAL B 44 -14.48 -7.75 2.60
CA VAL B 44 -15.02 -6.41 2.83
C VAL B 44 -15.80 -6.36 4.17
N THR B 45 -16.79 -7.26 4.38
CA THR B 45 -17.61 -7.20 5.60
C THR B 45 -16.91 -7.71 6.87
N GLN B 46 -16.15 -8.80 6.77
CA GLN B 46 -15.55 -9.43 7.96
C GLN B 46 -14.19 -8.86 8.35
N LYS B 47 -13.45 -8.31 7.40
CA LYS B 47 -12.12 -7.78 7.71
C LYS B 47 -12.07 -6.26 7.66
N MET B 48 -12.38 -5.68 6.48
CA MET B 48 -12.27 -4.24 6.23
C MET B 48 -13.25 -3.38 7.04
N MET B 49 -14.54 -3.78 7.07
CA MET B 49 -15.56 -3.04 7.83
C MET B 49 -15.41 -3.23 9.33
N ALA B 50 -14.70 -4.31 9.73
CA ALA B 50 -14.40 -4.65 11.13
C ALA B 50 -13.21 -3.84 11.68
N VAL B 51 -12.49 -3.09 10.81
CA VAL B 51 -11.39 -2.24 11.29
C VAL B 51 -11.98 -1.21 12.29
N PRO B 52 -11.40 -1.03 13.50
CA PRO B 52 -11.95 -0.03 14.44
C PRO B 52 -11.98 1.36 13.81
N ASP B 53 -13.06 2.10 14.05
CA ASP B 53 -13.29 3.49 13.58
C ASP B 53 -13.35 3.60 12.06
N SER B 54 -13.71 2.50 11.39
CA SER B 54 -13.78 2.48 9.92
C SER B 54 -15.11 2.99 9.39
N TRP B 55 -16.08 3.29 10.28
CA TRP B 55 -17.42 3.77 9.91
C TRP B 55 -17.40 4.93 8.86
N PRO B 56 -16.44 5.91 8.82
CA PRO B 56 -16.53 6.97 7.80
C PRO B 56 -16.31 6.46 6.38
N PHE B 57 -15.78 5.24 6.24
CA PHE B 57 -15.45 4.63 4.94
C PHE B 57 -16.50 3.66 4.44
N HIS B 58 -17.51 3.38 5.27
CA HIS B 58 -18.52 2.37 4.95
C HIS B 58 -19.45 2.77 3.83
N HIS B 59 -19.72 4.06 3.66
CA HIS B 59 -20.68 4.53 2.66
C HIS B 59 -20.13 5.75 1.92
N PRO B 60 -20.71 6.10 0.74
CA PRO B 60 -20.25 7.32 0.05
C PRO B 60 -20.45 8.54 0.94
N VAL B 61 -19.50 9.48 0.87
CA VAL B 61 -19.60 10.77 1.57
C VAL B 61 -20.85 11.51 1.13
N ASN B 62 -21.60 12.04 2.10
CA ASN B 62 -22.77 12.85 1.80
C ASN B 62 -22.23 14.27 1.87
N LYS B 63 -22.28 15.02 0.74
CA LYS B 63 -21.77 16.39 0.71
C LYS B 63 -22.50 17.34 1.69
N LYS B 64 -23.67 16.94 2.20
CA LYS B 64 -24.35 17.77 3.19
C LYS B 64 -23.57 17.78 4.54
N PHE B 65 -22.74 16.74 4.80
CA PHE B 65 -21.92 16.70 6.01
C PHE B 65 -20.47 17.13 5.74
N VAL B 66 -19.98 16.92 4.51
CA VAL B 66 -18.59 17.20 4.10
C VAL B 66 -18.68 17.99 2.77
N PRO B 67 -18.99 19.32 2.87
CA PRO B 67 -19.29 20.13 1.66
C PRO B 67 -18.30 20.15 0.50
N ASP B 68 -16.99 20.16 0.74
CA ASP B 68 -16.12 20.27 -0.44
C ASP B 68 -15.45 18.95 -0.84
N TYR B 69 -15.94 17.82 -0.30
CA TYR B 69 -15.33 16.51 -0.57
C TYR B 69 -15.16 16.19 -2.04
N TYR B 70 -16.23 16.31 -2.82
CA TYR B 70 -16.24 16.02 -4.24
C TYR B 70 -15.58 17.10 -5.12
N LYS B 71 -15.22 18.24 -4.53
CA LYS B 71 -14.46 19.27 -5.23
C LYS B 71 -12.98 18.86 -5.20
N VAL B 72 -12.56 18.13 -4.16
CA VAL B 72 -11.17 17.67 -3.95
C VAL B 72 -10.98 16.26 -4.52
N ILE B 73 -11.90 15.33 -4.19
CA ILE B 73 -11.84 13.93 -4.60
C ILE B 73 -12.61 13.70 -5.91
N VAL B 74 -11.86 13.51 -7.00
CA VAL B 74 -12.42 13.29 -8.34
C VAL B 74 -12.82 11.83 -8.57
N ASN B 75 -12.15 10.87 -7.88
CA ASN B 75 -12.49 9.45 -7.97
C ASN B 75 -12.86 8.89 -6.60
N PRO B 76 -14.08 9.23 -6.09
CA PRO B 76 -14.48 8.71 -4.76
C PRO B 76 -14.63 7.21 -4.71
N MET B 77 -14.49 6.66 -3.50
CA MET B 77 -14.61 5.24 -3.27
C MET B 77 -14.99 5.02 -1.81
N ASP B 78 -15.79 4.00 -1.56
CA ASP B 78 -16.17 3.61 -0.19
C ASP B 78 -16.45 2.11 -0.23
N LEU B 79 -16.58 1.50 0.94
CA LEU B 79 -16.80 0.06 1.08
C LEU B 79 -18.15 -0.43 0.53
N GLU B 80 -19.22 0.37 0.64
CA GLU B 80 -20.54 -0.01 0.07
C GLU B 80 -20.47 -0.08 -1.48
N THR B 81 -19.82 0.90 -2.10
CA THR B 81 -19.62 0.91 -3.56
C THR B 81 -18.83 -0.33 -3.99
N ILE B 82 -17.81 -0.72 -3.20
CA ILE B 82 -17.02 -1.92 -3.49
C ILE B 82 -17.94 -3.15 -3.41
N ARG B 83 -18.79 -3.23 -2.38
CA ARG B 83 -19.75 -4.34 -2.24
C ARG B 83 -20.74 -4.39 -3.41
N LYS B 84 -21.19 -3.23 -3.87
CA LYS B 84 -22.10 -3.12 -5.02
C LYS B 84 -21.39 -3.64 -6.28
N ASN B 85 -20.11 -3.25 -6.47
CA ASN B 85 -19.28 -3.69 -7.58
C ASN B 85 -19.10 -5.19 -7.56
N ILE B 86 -18.92 -5.77 -6.36
CA ILE B 86 -18.76 -7.22 -6.16
C ILE B 86 -20.07 -7.94 -6.56
N SER B 87 -21.24 -7.42 -6.12
CA SER B 87 -22.58 -7.97 -6.47
C SER B 87 -22.79 -8.06 -7.98
N LYS B 88 -22.20 -7.11 -8.73
CA LYS B 88 -22.30 -7.01 -10.19
C LYS B 88 -21.16 -7.77 -10.86
N HIS B 89 -20.25 -8.39 -10.05
CA HIS B 89 -19.10 -9.15 -10.53
C HIS B 89 -18.14 -8.29 -11.38
N LYS B 90 -17.88 -7.04 -10.95
CA LYS B 90 -16.95 -6.12 -11.61
C LYS B 90 -15.52 -6.70 -11.58
N TYR B 91 -15.14 -7.35 -10.49
CA TYR B 91 -13.80 -7.88 -10.33
C TYR B 91 -13.63 -9.35 -10.75
N GLN B 92 -12.75 -9.57 -11.74
CA GLN B 92 -12.38 -10.87 -12.30
C GLN B 92 -11.05 -11.29 -11.72
N SER B 93 -10.33 -10.36 -11.08
CA SER B 93 -9.03 -10.59 -10.47
C SER B 93 -8.83 -9.66 -9.28
N ARG B 94 -7.78 -9.95 -8.47
CA ARG B 94 -7.42 -9.14 -7.29
C ARG B 94 -6.96 -7.76 -7.67
N GLU B 95 -6.29 -7.64 -8.82
CA GLU B 95 -5.74 -6.39 -9.34
C GLU B 95 -6.81 -5.32 -9.49
N SER B 96 -7.95 -5.62 -10.15
CA SER B 96 -9.03 -4.65 -10.30
C SER B 96 -9.68 -4.31 -8.96
N PHE B 97 -9.81 -5.31 -8.07
CA PHE B 97 -10.35 -5.15 -6.70
C PHE B 97 -9.45 -4.21 -5.91
N LEU B 98 -8.11 -4.45 -5.93
CA LEU B 98 -7.09 -3.65 -5.25
C LEU B 98 -7.00 -2.21 -5.79
N ASP B 99 -7.29 -2.00 -7.09
CA ASP B 99 -7.31 -0.66 -7.65
C ASP B 99 -8.33 0.22 -6.93
N ASP B 100 -9.54 -0.33 -6.67
CA ASP B 100 -10.61 0.38 -5.95
C ASP B 100 -10.29 0.52 -4.46
N VAL B 101 -9.76 -0.53 -3.82
CA VAL B 101 -9.37 -0.54 -2.41
C VAL B 101 -8.29 0.51 -2.13
N ASN B 102 -7.25 0.56 -2.97
CA ASN B 102 -6.15 1.54 -2.83
C ASN B 102 -6.59 2.99 -2.95
N LEU B 103 -7.69 3.23 -3.68
CA LEU B 103 -8.30 4.55 -3.84
C LEU B 103 -8.74 5.07 -2.48
N ILE B 104 -9.24 4.21 -1.59
CA ILE B 104 -9.67 4.61 -0.24
C ILE B 104 -8.50 5.28 0.54
N LEU B 105 -7.31 4.69 0.49
CA LEU B 105 -6.11 5.28 1.12
C LEU B 105 -5.68 6.57 0.39
N ALA B 106 -5.55 6.51 -0.97
CA ALA B 106 -5.12 7.66 -1.77
C ALA B 106 -6.04 8.87 -1.56
N ASN B 107 -7.37 8.65 -1.55
CA ASN B 107 -8.35 9.71 -1.32
C ASN B 107 -8.20 10.32 0.06
N SER B 108 -7.96 9.47 1.08
CA SER B 108 -7.78 9.99 2.44
C SER B 108 -6.53 10.84 2.56
N VAL B 109 -5.40 10.44 1.93
CA VAL B 109 -4.21 11.29 2.07
C VAL B 109 -4.43 12.60 1.32
N LYS B 110 -5.10 12.56 0.15
CA LYS B 110 -5.35 13.79 -0.59
C LYS B 110 -6.31 14.73 0.18
N TYR B 111 -7.38 14.20 0.76
CA TYR B 111 -8.36 15.03 1.43
C TYR B 111 -7.99 15.42 2.86
N ASN B 112 -7.51 14.47 3.64
CA ASN B 112 -7.25 14.64 5.08
C ASN B 112 -5.79 14.90 5.45
N GLY B 113 -4.86 14.57 4.55
CA GLY B 113 -3.43 14.69 4.83
C GLY B 113 -2.94 13.38 5.39
N PRO B 114 -1.62 13.10 5.34
CA PRO B 114 -1.13 11.77 5.79
C PRO B 114 -1.19 11.46 7.29
N GLU B 115 -1.13 12.48 8.13
CA GLU B 115 -1.09 12.25 9.56
C GLU B 115 -2.48 12.09 10.20
N SER B 116 -3.54 12.43 9.49
CA SER B 116 -4.91 12.31 9.96
C SER B 116 -5.27 10.89 10.43
N GLN B 117 -6.16 10.80 11.44
CA GLN B 117 -6.68 9.53 11.97
C GLN B 117 -7.50 8.84 10.86
N TYR B 118 -8.09 9.61 9.92
CA TYR B 118 -8.81 9.03 8.79
C TYR B 118 -7.81 8.21 7.95
N THR B 119 -6.62 8.79 7.65
CA THR B 119 -5.55 8.15 6.87
C THR B 119 -4.97 6.93 7.59
N LYS B 120 -4.76 7.03 8.92
CA LYS B 120 -4.31 5.89 9.73
C LYS B 120 -5.31 4.74 9.65
N THR B 121 -6.61 5.03 9.71
CA THR B 121 -7.69 4.03 9.57
C THR B 121 -7.69 3.47 8.14
N ALA B 122 -7.65 4.35 7.12
CA ALA B 122 -7.61 3.92 5.70
C ALA B 122 -6.44 2.97 5.46
N GLN B 123 -5.26 3.24 6.05
CA GLN B 123 -4.09 2.36 5.87
C GLN B 123 -4.34 0.97 6.49
N GLU B 124 -5.03 0.91 7.62
CA GLU B 124 -5.37 -0.32 8.32
C GLU B 124 -6.40 -1.12 7.50
N ILE B 125 -7.36 -0.43 6.85
CA ILE B 125 -8.37 -1.05 5.96
C ILE B 125 -7.62 -1.69 4.78
N VAL B 126 -6.71 -0.93 4.17
CA VAL B 126 -5.90 -1.41 3.04
C VAL B 126 -4.97 -2.57 3.50
N ASN B 127 -4.37 -2.48 4.70
CA ASN B 127 -3.47 -3.53 5.22
C ASN B 127 -4.17 -4.86 5.45
N VAL B 128 -5.33 -4.85 6.11
CA VAL B 128 -6.09 -6.09 6.36
C VAL B 128 -6.53 -6.70 5.05
N CYS B 129 -6.87 -5.87 4.06
CA CYS B 129 -7.26 -6.36 2.75
C CYS B 129 -6.09 -7.12 2.09
N TYR B 130 -4.90 -6.50 2.01
CA TYR B 130 -3.70 -7.15 1.46
C TYR B 130 -3.33 -8.43 2.22
N GLN B 131 -3.37 -8.39 3.56
CA GLN B 131 -3.04 -9.53 4.41
C GLN B 131 -4.00 -10.70 4.15
N THR B 132 -5.32 -10.41 4.05
CA THR B 132 -6.34 -11.42 3.83
C THR B 132 -6.18 -12.05 2.44
N LEU B 133 -6.00 -11.22 1.39
CA LEU B 133 -5.78 -11.71 0.03
C LEU B 133 -4.56 -12.65 -0.08
N THR B 134 -3.49 -12.35 0.67
CA THR B 134 -2.27 -13.15 0.76
C THR B 134 -2.53 -14.52 1.39
N GLU B 135 -3.34 -14.55 2.45
CA GLU B 135 -3.71 -15.80 3.13
C GLU B 135 -4.56 -16.66 2.18
N TYR B 136 -5.25 -16.04 1.21
CA TYR B 136 -6.08 -16.78 0.26
C TYR B 136 -5.42 -16.94 -1.10
N ASP B 137 -4.13 -16.62 -1.20
CA ASP B 137 -3.40 -16.65 -2.46
C ASP B 137 -3.61 -17.91 -3.33
N GLU B 138 -3.43 -19.12 -2.77
CA GLU B 138 -3.57 -20.36 -3.53
C GLU B 138 -4.96 -20.52 -4.19
N HIS B 139 -6.02 -20.41 -3.39
CA HIS B 139 -7.39 -20.57 -3.86
C HIS B 139 -7.79 -19.44 -4.81
N LEU B 140 -7.39 -18.19 -4.50
CA LEU B 140 -7.73 -17.05 -5.38
C LEU B 140 -7.05 -17.13 -6.73
N THR B 141 -5.80 -17.63 -6.78
CA THR B 141 -5.05 -17.84 -8.03
C THR B 141 -5.80 -18.84 -8.93
N GLN B 142 -6.26 -19.96 -8.33
CA GLN B 142 -7.02 -20.99 -9.05
C GLN B 142 -8.34 -20.44 -9.59
N LEU B 143 -9.10 -19.70 -8.76
CA LEU B 143 -10.36 -19.08 -9.16
C LEU B 143 -10.15 -18.09 -10.31
N GLU B 144 -9.10 -17.24 -10.23
CA GLU B 144 -8.72 -16.25 -11.25
C GLU B 144 -8.39 -16.93 -12.58
N LYS B 145 -7.64 -18.05 -12.53
CA LYS B 145 -7.26 -18.83 -13.71
C LYS B 145 -8.51 -19.41 -14.37
N ASP B 146 -9.43 -19.96 -13.55
CA ASP B 146 -10.69 -20.52 -14.01
C ASP B 146 -11.63 -19.46 -14.60
N ILE B 147 -11.66 -18.26 -14.00
CA ILE B 147 -12.50 -17.15 -14.50
C ILE B 147 -12.00 -16.73 -15.89
N CYS B 148 -10.67 -16.61 -16.03
CA CYS B 148 -9.94 -16.25 -17.25
C CYS B 148 -10.17 -17.29 -18.35
N THR B 149 -10.07 -18.59 -18.00
CA THR B 149 -10.29 -19.72 -18.91
C THR B 149 -11.75 -19.68 -19.43
N ALA B 150 -12.74 -19.50 -18.53
CA ALA B 150 -14.16 -19.42 -18.89
C ALA B 150 -14.48 -18.21 -19.77
#